data_1GSM
#
_entry.id   1GSM
#
_cell.length_a   64.000
_cell.length_b   99.200
_cell.length_c   70.500
_cell.angle_alpha   90.00
_cell.angle_beta   90.00
_cell.angle_gamma   90.00
#
_symmetry.space_group_name_H-M   'C 2 2 21'
#
loop_
_entity.id
_entity.type
_entity.pdbx_description
1 polymer 'MUCOSAL ADDRESSIN CELL ADHESION MOLECULE-1'
2 water water
#
_entity_poly.entity_id   1
_entity_poly.type   'polypeptide(L)'
_entity_poly.pdbx_seq_one_letter_code
;QSLQVKPLQVEPPEPVVAVALGASRQLTCRLACADRGASVQWRGLDTSLGAVQSDTGRSVLTVRNASLSAAGTRVCVGSC
GGRTFQHTVQLLVYAFPNQLTVSPAALVPGDPEVACTAHKVTPVDPNALSFSLLVGGQELEGAQALGPEVQEEEEEPQGD
EDVLFRVTERWRLPPLGTPVPPALYCQATMRLPGLELSHRQAIPVLIEGR
;
_entity_poly.pdbx_strand_id   A
#
# COMPACT_ATOMS: atom_id res chain seq x y z
N VAL A 5 -8.50 11.45 -29.13
CA VAL A 5 -7.97 10.25 -28.45
C VAL A 5 -6.72 9.77 -29.16
N LYS A 6 -5.77 9.25 -28.39
CA LYS A 6 -4.54 8.75 -28.98
C LYS A 6 -4.80 7.34 -29.51
N PRO A 7 -4.03 6.92 -30.50
CA PRO A 7 -4.16 5.58 -31.06
C PRO A 7 -3.78 4.50 -30.05
N LEU A 8 -2.92 4.79 -29.07
CA LEU A 8 -2.58 3.76 -28.07
C LEU A 8 -3.30 4.14 -26.78
N GLN A 9 -4.06 3.21 -26.22
CA GLN A 9 -4.82 3.45 -25.00
C GLN A 9 -4.61 2.32 -24.03
N VAL A 10 -4.40 2.65 -22.76
CA VAL A 10 -4.28 1.60 -21.76
C VAL A 10 -5.41 1.77 -20.74
N GLU A 11 -6.02 0.66 -20.37
CA GLU A 11 -7.05 0.66 -19.36
C GLU A 11 -6.61 -0.27 -18.22
N PRO A 12 -6.59 0.17 -16.96
CA PRO A 12 -6.86 1.55 -16.50
C PRO A 12 -5.72 2.50 -16.91
N PRO A 13 -6.05 3.78 -17.04
CA PRO A 13 -5.11 4.78 -17.58
C PRO A 13 -4.18 5.52 -16.63
N GLU A 14 -4.35 5.34 -15.32
CA GLU A 14 -3.62 6.11 -14.32
C GLU A 14 -2.12 5.80 -14.34
N PRO A 15 -1.29 6.81 -14.06
CA PRO A 15 0.15 6.64 -14.12
C PRO A 15 0.65 5.67 -13.05
N VAL A 16 -0.11 5.49 -11.96
CA VAL A 16 0.30 4.54 -10.91
C VAL A 16 -0.91 3.72 -10.54
N VAL A 17 -0.78 2.41 -10.58
CA VAL A 17 -1.90 1.51 -10.30
C VAL A 17 -1.49 0.60 -9.12
N ALA A 18 -2.28 0.63 -8.03
CA ALA A 18 -1.94 -0.16 -6.83
C ALA A 18 -2.67 -1.48 -6.82
N VAL A 19 -1.99 -2.52 -6.37
CA VAL A 19 -2.61 -3.83 -6.26
C VAL A 19 -2.10 -4.41 -4.94
N ALA A 20 -2.99 -5.02 -4.19
CA ALA A 20 -2.59 -5.61 -2.94
C ALA A 20 -1.85 -6.95 -3.18
N LEU A 21 -0.93 -7.23 -2.30
CA LEU A 21 -0.25 -8.52 -2.30
C LEU A 21 -1.33 -9.60 -2.30
N GLY A 22 -1.24 -10.56 -3.21
CA GLY A 22 -2.25 -11.59 -3.34
C GLY A 22 -3.45 -11.33 -4.22
N ALA A 23 -3.62 -10.10 -4.71
CA ALA A 23 -4.78 -9.77 -5.49
C ALA A 23 -4.41 -9.83 -6.96
N SER A 24 -5.32 -9.39 -7.80
CA SER A 24 -5.06 -9.40 -9.22
C SER A 24 -5.35 -8.05 -9.85
N ARG A 25 -4.73 -7.84 -11.00
CA ARG A 25 -5.01 -6.62 -11.77
C ARG A 25 -4.68 -6.89 -13.21
N GLN A 26 -5.46 -6.28 -14.08
CA GLN A 26 -5.27 -6.48 -15.48
C GLN A 26 -5.10 -5.11 -16.14
N LEU A 27 -4.11 -5.01 -17.01
CA LEU A 27 -3.86 -3.79 -17.75
C LEU A 27 -3.98 -4.16 -19.22
N THR A 28 -4.88 -3.50 -19.94
CA THR A 28 -5.11 -3.79 -21.35
C THR A 28 -4.60 -2.65 -22.21
N CYS A 29 -3.80 -2.98 -23.19
CA CYS A 29 -3.20 -1.97 -24.04
C CYS A 29 -3.74 -2.18 -25.43
N ARG A 30 -4.40 -1.15 -25.96
CA ARG A 30 -5.04 -1.21 -27.29
C ARG A 30 -4.39 -0.25 -28.28
N LEU A 31 -4.07 -0.76 -29.46
CA LEU A 31 -3.48 0.10 -30.48
C LEU A 31 -4.37 0.08 -31.69
N ALA A 32 -4.85 1.25 -32.07
CA ALA A 32 -5.66 1.38 -33.27
C ALA A 32 -4.68 1.60 -34.41
N CYS A 33 -4.77 0.80 -35.46
CA CYS A 33 -3.88 0.93 -36.59
C CYS A 33 -4.53 0.46 -37.88
N ALA A 34 -4.57 1.33 -38.88
CA ALA A 34 -5.22 0.98 -40.14
C ALA A 34 -4.34 0.05 -40.98
N ASP A 35 -3.06 -0.07 -40.60
CA ASP A 35 -2.13 -0.87 -41.38
C ASP A 35 -1.97 -2.28 -40.82
N ARG A 36 -1.40 -3.18 -41.63
CA ARG A 36 -1.08 -4.52 -41.17
C ARG A 36 0.23 -4.37 -40.44
N GLY A 37 0.67 -5.44 -39.77
CA GLY A 37 1.97 -5.42 -39.11
C GLY A 37 2.03 -4.63 -37.81
N ALA A 38 0.89 -4.14 -37.31
CA ALA A 38 0.87 -3.33 -36.07
C ALA A 38 1.30 -4.24 -34.92
N SER A 39 2.13 -3.76 -34.01
CA SER A 39 2.59 -4.64 -32.92
C SER A 39 2.36 -3.96 -31.59
N VAL A 40 2.19 -4.77 -30.56
CA VAL A 40 2.05 -4.22 -29.23
C VAL A 40 3.05 -4.98 -28.31
N GLN A 41 3.80 -4.25 -27.50
CA GLN A 41 4.77 -4.90 -26.64
C GLN A 41 4.47 -4.46 -25.21
N TRP A 42 4.51 -5.40 -24.26
CA TRP A 42 4.50 -5.04 -22.85
C TRP A 42 5.89 -5.35 -22.35
N ARG A 43 6.51 -4.39 -21.67
CA ARG A 43 7.81 -4.63 -21.11
C ARG A 43 7.91 -3.70 -19.93
N GLY A 44 9.11 -3.29 -19.60
CA GLY A 44 9.28 -2.24 -18.61
C GLY A 44 10.19 -2.77 -17.59
N LEU A 45 10.03 -4.08 -17.37
CA LEU A 45 10.99 -4.87 -16.60
C LEU A 45 11.68 -5.91 -17.53
N ASP A 46 12.21 -5.51 -18.68
CA ASP A 46 12.82 -6.59 -19.45
C ASP A 46 14.16 -7.06 -18.87
N THR A 47 14.19 -7.32 -19.80
CA THR A 47 15.46 -7.90 -19.38
C THR A 47 15.33 -8.74 -18.13
N SER A 48 14.94 -8.07 -17.02
CA SER A 48 14.80 -8.80 -15.76
C SER A 48 13.46 -9.50 -15.63
N LEU A 49 12.67 -11.10 -16.24
CA LEU A 49 11.24 -11.09 -16.53
C LEU A 49 10.92 -11.20 -18.03
N GLY A 50 11.54 -10.35 -18.84
CA GLY A 50 11.36 -10.31 -20.30
C GLY A 50 10.19 -9.51 -20.85
N ALA A 51 10.32 -9.06 -22.09
CA ALA A 51 9.25 -8.29 -22.73
C ALA A 51 8.52 -9.24 -23.66
N VAL A 52 7.27 -8.92 -23.96
CA VAL A 52 6.47 -9.78 -24.82
C VAL A 52 5.86 -8.87 -25.90
N GLN A 53 6.04 -9.23 -27.15
CA GLN A 53 5.57 -8.43 -28.27
C GLN A 53 4.88 -9.37 -29.27
N SER A 54 3.77 -8.91 -29.84
CA SER A 54 3.06 -9.69 -30.84
C SER A 54 2.40 -8.74 -31.83
N ASP A 55 2.10 -9.22 -33.03
CA ASP A 55 1.41 -8.35 -33.98
C ASP A 55 -0.03 -8.52 -33.61
N THR A 56 -0.70 -7.45 -33.18
CA THR A 56 -2.05 -7.64 -32.71
C THR A 56 -2.56 -6.25 -32.46
N GLY A 57 -3.81 -6.10 -32.04
CA GLY A 57 -4.27 -4.79 -31.68
C GLY A 57 -4.61 -4.65 -30.23
N ARG A 58 -4.35 -5.70 -29.46
CA ARG A 58 -4.69 -5.64 -28.04
C ARG A 58 -3.81 -6.64 -27.33
N SER A 59 -3.12 -6.23 -26.26
CA SER A 59 -2.31 -7.15 -25.48
C SER A 59 -2.67 -6.85 -24.04
N VAL A 60 -2.92 -7.90 -23.27
CA VAL A 60 -3.38 -7.73 -21.91
C VAL A 60 -2.32 -8.23 -20.92
N LEU A 61 -1.93 -7.39 -19.97
CA LEU A 61 -0.95 -7.75 -18.97
C LEU A 61 -1.76 -8.10 -17.74
N THR A 62 -1.55 -9.31 -17.22
CA THR A 62 -2.37 -9.77 -16.10
C THR A 62 -1.48 -10.22 -14.97
N VAL A 63 -1.71 -9.63 -13.81
CA VAL A 63 -1.04 -10.04 -12.62
C VAL A 63 -2.13 -10.74 -11.81
N ARG A 64 -1.83 -11.95 -11.37
CA ARG A 64 -2.77 -12.75 -10.60
C ARG A 64 -2.03 -13.18 -9.34
N ASN A 65 -2.70 -13.11 -8.19
CA ASN A 65 -2.05 -13.43 -6.90
C ASN A 65 -0.71 -12.72 -6.80
N ALA A 66 -0.75 -11.38 -6.85
CA ALA A 66 0.45 -10.56 -6.86
C ALA A 66 1.50 -10.74 -5.79
N SER A 67 2.77 -10.75 -6.21
CA SER A 67 3.85 -10.79 -5.26
C SER A 67 4.53 -9.44 -5.33
N LEU A 68 5.38 -9.15 -4.36
CA LEU A 68 6.08 -7.87 -4.33
C LEU A 68 6.95 -7.66 -5.57
N SER A 69 7.32 -8.77 -6.23
CA SER A 69 8.17 -8.74 -7.43
C SER A 69 7.41 -8.23 -8.63
N ALA A 70 6.08 -8.31 -8.57
CA ALA A 70 5.27 -7.80 -9.66
C ALA A 70 5.39 -6.28 -9.78
N ALA A 71 5.86 -5.64 -8.72
CA ALA A 71 6.00 -4.20 -8.65
C ALA A 71 7.11 -3.60 -9.52
N GLY A 72 6.78 -2.45 -10.11
CA GLY A 72 7.70 -1.74 -10.97
C GLY A 72 7.01 -1.07 -12.15
N THR A 73 7.84 -0.48 -12.99
CA THR A 73 7.41 0.27 -14.15
C THR A 73 7.12 -0.68 -15.30
N ARG A 74 5.94 -0.52 -15.91
CA ARG A 74 5.51 -1.30 -17.07
C ARG A 74 5.41 -0.29 -18.21
N VAL A 75 5.80 -0.69 -19.42
CA VAL A 75 5.66 0.20 -20.58
C VAL A 75 4.98 -0.58 -21.68
N CYS A 76 3.87 -0.05 -22.19
CA CYS A 76 3.30 -0.64 -23.39
C CYS A 76 3.74 0.22 -24.61
N VAL A 77 4.32 -0.44 -25.60
CA VAL A 77 4.75 0.21 -26.83
C VAL A 77 3.99 -0.39 -28.01
N GLY A 78 3.35 0.49 -28.78
CA GLY A 78 2.64 0.09 -29.97
C GLY A 78 3.31 0.69 -31.19
N SER A 79 3.41 -0.11 -32.24
CA SER A 79 4.08 0.33 -33.45
C SER A 79 3.04 0.24 -34.57
N CYS A 80 2.84 1.33 -35.29
CA CYS A 80 1.84 1.38 -36.35
C CYS A 80 2.39 2.18 -37.53
N GLY A 81 2.61 1.54 -38.67
CA GLY A 81 3.08 2.23 -39.86
C GLY A 81 4.30 3.13 -39.72
N GLY A 82 5.30 2.69 -38.96
CA GLY A 82 6.52 3.47 -38.80
C GLY A 82 6.52 4.44 -37.63
N ARG A 83 5.38 4.56 -36.94
CA ARG A 83 5.27 5.44 -35.78
C ARG A 83 5.16 4.60 -34.51
N THR A 84 5.74 5.05 -33.42
CA THR A 84 5.59 4.29 -32.17
C THR A 84 4.94 5.18 -31.10
N PHE A 85 4.13 4.55 -30.26
CA PHE A 85 3.40 5.23 -29.20
C PHE A 85 3.70 4.49 -27.93
N GLN A 86 3.54 5.15 -26.80
CA GLN A 86 3.87 4.47 -25.56
C GLN A 86 3.00 4.86 -24.40
N HIS A 87 2.99 4.01 -23.38
CA HIS A 87 2.27 4.36 -22.19
C HIS A 87 3.07 3.73 -21.08
N THR A 88 3.39 4.51 -20.05
CA THR A 88 4.20 4.03 -18.93
C THR A 88 3.37 4.09 -17.65
N VAL A 89 3.29 2.97 -16.91
CA VAL A 89 2.49 2.93 -15.69
C VAL A 89 3.23 2.16 -14.61
N GLN A 90 3.24 2.74 -13.42
CA GLN A 90 3.87 2.14 -12.28
C GLN A 90 2.90 1.18 -11.63
N LEU A 91 3.27 -0.09 -11.51
CA LEU A 91 2.46 -1.03 -10.72
C LEU A 91 3.02 -1.02 -9.30
N LEU A 92 2.17 -0.66 -8.34
CA LEU A 92 2.59 -0.55 -6.94
C LEU A 92 1.92 -1.70 -6.18
N VAL A 93 2.73 -2.56 -5.54
CA VAL A 93 2.16 -3.68 -4.79
C VAL A 93 2.30 -3.41 -3.32
N TYR A 94 1.18 -3.38 -2.61
CA TYR A 94 1.19 -3.06 -1.21
C TYR A 94 0.57 -4.20 -0.37
N ALA A 95 0.95 -4.21 0.89
CA ALA A 95 0.27 -5.09 1.84
C ALA A 95 -0.18 -4.24 3.03
N PHE A 96 -1.49 -4.13 3.18
CA PHE A 96 -2.05 -3.38 4.27
C PHE A 96 -1.92 -4.31 5.48
N PRO A 97 -1.56 -3.77 6.62
CA PRO A 97 -1.27 -4.65 7.78
C PRO A 97 -2.48 -5.51 8.13
N ASN A 98 -2.23 -6.77 8.46
CA ASN A 98 -3.32 -7.66 8.78
C ASN A 98 -3.58 -7.76 10.26
N GLN A 99 -2.79 -7.00 11.02
CA GLN A 99 -2.92 -6.99 12.46
C GLN A 99 -2.27 -5.74 13.02
N LEU A 100 -2.87 -5.21 14.08
CA LEU A 100 -2.32 -4.11 14.82
C LEU A 100 -2.13 -4.65 16.23
N THR A 101 -0.99 -4.34 16.83
CA THR A 101 -0.70 -4.70 18.21
C THR A 101 -0.42 -3.44 19.00
N VAL A 102 -1.19 -3.19 20.05
CA VAL A 102 -1.01 -2.01 20.90
C VAL A 102 -0.36 -2.41 22.22
N SER A 103 0.51 -1.55 22.76
CA SER A 103 1.23 -1.85 24.00
C SER A 103 1.38 -0.57 24.81
N PRO A 104 0.86 -0.56 26.04
CA PRO A 104 0.11 -1.70 26.59
C PRO A 104 -1.22 -1.94 25.89
N ALA A 105 -1.78 -3.15 26.01
CA ALA A 105 -3.05 -3.48 25.34
C ALA A 105 -4.23 -2.67 25.89
N ALA A 106 -4.14 -2.29 27.17
CA ALA A 106 -5.14 -1.41 27.73
C ALA A 106 -4.38 -0.38 28.55
N LEU A 107 -4.95 0.81 28.65
CA LEU A 107 -4.28 1.89 29.33
C LEU A 107 -4.92 2.24 30.66
N VAL A 108 -4.13 2.87 31.51
CA VAL A 108 -4.55 3.37 32.80
C VAL A 108 -4.14 4.85 32.79
N PRO A 109 -5.04 5.75 33.18
CA PRO A 109 -4.71 7.17 33.27
C PRO A 109 -3.44 7.31 34.12
N GLY A 110 -2.39 7.91 33.55
CA GLY A 110 -1.09 7.92 34.20
C GLY A 110 -0.03 7.18 33.40
N ASP A 111 -0.47 6.26 32.52
CA ASP A 111 0.50 5.61 31.65
C ASP A 111 1.10 6.74 30.80
N PRO A 112 2.41 6.78 30.69
CA PRO A 112 3.05 7.88 29.97
C PRO A 112 3.14 7.65 28.46
N GLU A 113 2.98 6.41 28.00
CA GLU A 113 3.21 6.09 26.61
C GLU A 113 2.34 4.94 26.09
N VAL A 114 2.09 4.93 24.79
CA VAL A 114 1.40 3.82 24.16
C VAL A 114 2.02 3.64 22.77
N ALA A 115 2.26 2.39 22.38
CA ALA A 115 2.82 2.07 21.09
C ALA A 115 1.81 1.29 20.26
N CYS A 116 1.87 1.48 18.94
CA CYS A 116 0.90 0.81 18.07
C CYS A 116 1.69 0.24 16.94
N THR A 117 1.61 -1.07 16.79
CA THR A 117 2.42 -1.70 15.79
C THR A 117 1.59 -2.30 14.67
N ALA A 118 1.93 -1.95 13.43
CA ALA A 118 1.30 -2.52 12.26
C ALA A 118 2.14 -3.71 11.77
N HIS A 119 1.52 -4.88 11.64
CA HIS A 119 2.23 -6.07 11.17
C HIS A 119 2.10 -6.31 9.69
N LYS A 120 3.19 -6.80 9.09
CA LYS A 120 3.22 -7.26 7.71
C LYS A 120 2.75 -6.19 6.74
N VAL A 121 3.41 -5.05 6.77
CA VAL A 121 2.98 -3.96 5.94
C VAL A 121 4.04 -3.50 4.97
N THR A 122 3.61 -3.03 3.82
CA THR A 122 4.49 -2.28 2.93
C THR A 122 3.55 -1.49 2.02
N PRO A 123 3.92 -0.32 1.52
CA PRO A 123 5.15 0.41 1.83
C PRO A 123 5.09 0.99 3.23
N VAL A 124 6.25 1.38 3.78
CA VAL A 124 6.32 1.90 5.12
C VAL A 124 6.50 3.42 5.10
N ASP A 125 6.68 3.98 3.93
CA ASP A 125 7.01 5.38 3.97
C ASP A 125 5.83 6.27 4.42
N PRO A 126 6.17 7.30 5.18
CA PRO A 126 5.23 8.22 5.81
C PRO A 126 4.35 8.97 4.83
N ASN A 127 4.74 9.04 3.56
CA ASN A 127 3.87 9.71 2.59
C ASN A 127 2.69 8.81 2.21
N ALA A 128 2.81 7.53 2.57
CA ALA A 128 1.75 6.55 2.27
C ALA A 128 1.14 6.01 3.55
N LEU A 129 2.01 5.65 4.49
CA LEU A 129 1.57 5.03 5.76
C LEU A 129 1.56 5.99 6.92
N SER A 130 0.38 6.16 7.53
CA SER A 130 0.13 7.06 8.64
C SER A 130 -0.50 6.46 9.90
N PHE A 131 -0.03 6.89 11.07
CA PHE A 131 -0.60 6.45 12.34
C PHE A 131 -1.27 7.63 13.05
N SER A 132 -2.40 7.37 13.66
CA SER A 132 -3.17 8.39 14.41
C SER A 132 -3.57 7.80 15.75
N LEU A 133 -3.60 8.64 16.78
CA LEU A 133 -4.06 8.23 18.11
C LEU A 133 -5.28 9.09 18.38
N LEU A 134 -6.45 8.46 18.45
CA LEU A 134 -7.73 9.16 18.47
C LEU A 134 -8.51 9.01 19.77
N VAL A 135 -9.18 10.08 20.21
CA VAL A 135 -10.08 9.86 21.31
C VAL A 135 -11.37 10.37 20.67
N GLY A 136 -12.40 9.53 20.69
CA GLY A 136 -13.59 9.86 19.94
C GLY A 136 -13.09 9.64 18.53
N GLY A 137 -13.54 10.46 17.59
CA GLY A 137 -13.09 10.39 16.22
C GLY A 137 -12.19 11.57 15.94
N GLN A 138 -11.49 12.05 16.95
CA GLN A 138 -10.56 13.17 16.82
C GLN A 138 -9.17 12.78 17.30
N GLU A 139 -8.14 13.43 16.78
CA GLU A 139 -6.79 13.16 17.29
C GLU A 139 -6.61 13.69 18.73
N LEU A 140 -6.04 12.86 19.58
CA LEU A 140 -5.81 13.23 20.96
C LEU A 140 -4.74 14.32 20.99
N GLU A 141 -5.12 15.51 21.45
CA GLU A 141 -4.20 16.66 21.50
C GLU A 141 -3.19 16.49 22.63
N GLY A 142 -1.93 16.79 22.32
CA GLY A 142 -0.85 16.65 23.29
C GLY A 142 -0.10 15.36 23.13
N ALA A 143 -0.61 14.49 22.26
CA ALA A 143 0.07 13.22 22.01
C ALA A 143 1.26 13.44 21.09
N GLN A 144 2.46 13.15 21.62
CA GLN A 144 3.69 13.37 20.90
C GLN A 144 4.18 12.07 20.26
N ALA A 145 4.18 12.05 18.93
CA ALA A 145 4.65 10.89 18.13
C ALA A 145 6.16 10.81 18.06
N LEU A 146 6.68 9.70 18.56
CA LEU A 146 8.11 9.53 18.66
C LEU A 146 8.73 9.21 17.33
N GLY A 147 7.93 8.62 16.44
CA GLY A 147 8.45 8.36 15.11
C GLY A 147 8.44 6.87 14.90
N PRO A 148 8.07 6.50 13.69
CA PRO A 148 7.95 5.10 13.32
C PRO A 148 9.28 4.35 13.33
N GLU A 149 9.23 3.18 13.93
CA GLU A 149 10.36 2.29 13.95
C GLU A 149 10.01 1.15 13.04
N VAL A 150 10.88 0.90 12.08
CA VAL A 150 10.64 -0.11 11.08
C VAL A 150 11.58 -1.27 11.32
N GLN A 151 11.03 -2.47 11.30
CA GLN A 151 11.80 -3.70 11.40
C GLN A 151 11.26 -4.62 10.32
N GLU A 152 12.08 -5.58 9.87
CA GLU A 152 11.62 -6.54 8.89
C GLU A 152 10.80 -7.57 9.64
N GLU A 153 9.87 -8.20 8.95
CA GLU A 153 9.10 -9.28 9.57
C GLU A 153 9.95 -10.54 9.61
N GLU A 154 9.80 -10.41 10.96
CA GLU A 154 11.03 -10.49 11.81
C GLU A 154 11.68 -11.82 11.99
N GLU A 155 12.13 -12.45 10.94
CA GLU A 155 12.42 -13.84 11.12
C GLU A 155 11.31 -14.64 10.57
N GLU A 156 10.95 -14.28 9.34
CA GLU A 156 9.71 -14.77 8.79
C GLU A 156 9.49 -16.23 8.98
N PRO A 157 8.24 -16.65 8.79
CA PRO A 157 7.91 -18.03 9.02
C PRO A 157 7.45 -18.71 7.75
N GLN A 158 7.15 -20.01 7.90
CA GLN A 158 6.72 -20.80 6.75
C GLN A 158 5.53 -20.18 6.02
N GLY A 159 5.12 -20.83 4.93
CA GLY A 159 4.00 -20.30 4.16
C GLY A 159 4.36 -20.00 2.73
N ASP A 160 4.84 -18.76 2.51
CA ASP A 160 5.23 -18.37 1.16
C ASP A 160 6.56 -17.60 1.13
N GLU A 161 6.48 -16.33 0.68
CA GLU A 161 7.69 -15.52 0.62
C GLU A 161 7.44 -14.04 0.77
N ASP A 162 8.28 -13.24 0.10
CA ASP A 162 8.13 -11.79 0.21
C ASP A 162 8.33 -11.29 1.62
N VAL A 163 9.22 -10.34 1.70
CA VAL A 163 9.53 -9.71 2.99
C VAL A 163 8.72 -8.43 3.27
N LEU A 164 8.08 -8.42 4.42
CA LEU A 164 7.24 -7.30 4.80
C LEU A 164 7.83 -6.65 6.04
N PHE A 165 7.24 -5.53 6.44
CA PHE A 165 7.77 -4.81 7.56
C PHE A 165 6.80 -4.80 8.70
N ARG A 166 7.35 -4.52 9.86
CA ARG A 166 6.61 -4.32 11.07
C ARG A 166 6.91 -2.87 11.44
N VAL A 167 5.89 -2.03 11.57
CA VAL A 167 6.12 -0.62 11.87
C VAL A 167 5.43 -0.22 13.16
N THR A 168 6.18 0.41 14.04
CA THR A 168 5.64 0.84 15.33
C THR A 168 5.67 2.36 15.52
N GLU A 169 4.52 2.95 15.81
CA GLU A 169 4.49 4.36 16.15
C GLU A 169 4.40 4.35 17.66
N ARG A 170 4.91 5.40 18.31
CA ARG A 170 4.81 5.48 19.77
C ARG A 170 4.41 6.88 20.07
N TRP A 171 3.60 7.06 21.11
CA TRP A 171 3.25 8.42 21.50
C TRP A 171 3.46 8.62 22.99
N ARG A 172 4.03 9.75 23.33
CA ARG A 172 4.10 10.18 24.73
C ARG A 172 2.73 10.77 24.98
N LEU A 173 2.07 10.31 26.03
CA LEU A 173 0.69 10.71 26.26
C LEU A 173 0.55 11.93 27.14
N PRO A 174 -0.48 12.71 26.86
CA PRO A 174 -0.84 13.85 27.69
C PRO A 174 -1.78 13.30 28.74
N PRO A 175 -2.15 14.10 29.74
CA PRO A 175 -3.09 13.61 30.74
C PRO A 175 -4.41 13.43 29.98
N LEU A 176 -5.09 12.32 30.25
CA LEU A 176 -6.31 12.01 29.53
C LEU A 176 -7.45 12.96 29.87
N GLY A 177 -7.31 13.66 30.99
CA GLY A 177 -8.32 14.60 31.42
C GLY A 177 -9.46 13.88 32.10
N THR A 178 -10.59 14.56 32.23
CA THR A 178 -11.72 14.03 32.94
C THR A 178 -12.90 14.94 32.60
N PRO A 179 -14.05 14.37 32.24
CA PRO A 179 -14.30 12.91 32.25
C PRO A 179 -13.30 12.08 31.45
N VAL A 180 -12.84 11.00 32.07
CA VAL A 180 -11.90 10.08 31.47
C VAL A 180 -12.58 9.34 30.33
N PRO A 181 -11.90 9.30 29.18
CA PRO A 181 -12.43 8.61 28.00
C PRO A 181 -12.50 7.13 28.26
N PRO A 182 -13.52 6.49 27.72
CA PRO A 182 -13.67 5.04 27.83
C PRO A 182 -12.61 4.28 27.03
N ALA A 183 -11.99 4.92 26.05
CA ALA A 183 -11.10 4.23 25.16
C ALA A 183 -10.30 5.21 24.31
N LEU A 184 -9.11 4.79 23.88
CA LEU A 184 -8.43 5.53 22.82
C LEU A 184 -8.39 4.58 21.62
N TYR A 185 -7.99 5.09 20.44
CA TYR A 185 -7.89 4.23 19.25
C TYR A 185 -6.62 4.47 18.48
N CYS A 186 -6.00 3.40 18.00
CA CYS A 186 -4.90 3.60 17.12
C CYS A 186 -5.47 3.39 15.73
N GLN A 187 -5.15 4.26 14.80
CA GLN A 187 -5.60 4.00 13.45
C GLN A 187 -4.40 4.04 12.55
N ALA A 188 -4.24 3.00 11.73
CA ALA A 188 -3.20 2.98 10.73
C ALA A 188 -3.91 3.24 9.43
N THR A 189 -3.42 4.19 8.64
CA THR A 189 -4.06 4.54 7.38
C THR A 189 -3.04 4.47 6.27
N MET A 190 -3.42 3.87 5.15
CA MET A 190 -2.51 3.79 4.01
C MET A 190 -3.20 4.52 2.87
N ARG A 191 -2.51 5.50 2.27
CA ARG A 191 -3.06 6.28 1.20
C ARG A 191 -2.21 6.03 -0.02
N LEU A 192 -2.84 5.53 -1.07
CA LEU A 192 -2.16 5.29 -2.34
C LEU A 192 -3.06 5.86 -3.44
N PRO A 193 -2.59 5.91 -4.68
CA PRO A 193 -3.45 6.50 -5.74
C PRO A 193 -4.83 5.86 -5.82
N GLY A 194 -5.86 6.70 -5.65
CA GLY A 194 -7.25 6.26 -5.74
C GLY A 194 -7.73 5.47 -4.51
N LEU A 195 -6.85 5.33 -3.51
CA LEU A 195 -7.15 4.48 -2.34
C LEU A 195 -6.88 5.07 -0.99
N GLU A 196 -7.77 4.77 -0.06
CA GLU A 196 -7.48 5.07 1.33
C GLU A 196 -7.94 3.89 2.16
N LEU A 197 -6.98 3.23 2.80
CA LEU A 197 -7.30 2.03 3.58
C LEU A 197 -7.02 2.30 5.02
N SER A 198 -7.84 1.78 5.92
CA SER A 198 -7.67 2.11 7.33
C SER A 198 -8.00 0.95 8.22
N HIS A 199 -7.36 0.93 9.38
CA HIS A 199 -7.55 -0.12 10.37
C HIS A 199 -7.54 0.61 11.71
N ARG A 200 -8.67 0.65 12.40
CA ARG A 200 -8.80 1.37 13.68
C ARG A 200 -8.97 0.35 14.81
N GLN A 201 -8.12 0.40 15.82
CA GLN A 201 -8.21 -0.61 16.86
C GLN A 201 -8.44 0.04 18.22
N ALA A 202 -9.45 -0.42 18.95
CA ALA A 202 -9.81 0.13 20.25
C ALA A 202 -8.73 -0.15 21.29
N ILE A 203 -8.50 0.84 22.16
CA ILE A 203 -7.55 0.71 23.25
C ILE A 203 -8.33 1.06 24.50
N PRO A 204 -8.73 0.05 25.26
CA PRO A 204 -9.52 0.28 26.47
C PRO A 204 -8.69 1.07 27.49
N VAL A 205 -9.34 2.00 28.17
CA VAL A 205 -8.73 2.78 29.24
C VAL A 205 -9.35 2.34 30.57
N LEU A 206 -8.62 1.53 31.34
CA LEU A 206 -9.13 1.03 32.60
C LEU A 206 -8.96 2.09 33.66
N ILE A 207 -10.05 2.76 34.00
CA ILE A 207 -10.03 3.81 34.99
C ILE A 207 -9.51 3.38 36.38
N GLU A 208 -9.69 2.10 36.72
CA GLU A 208 -9.32 1.61 38.05
C GLU A 208 -7.98 0.89 38.16
N GLY A 209 -7.17 0.93 37.11
CA GLY A 209 -5.87 0.29 37.13
C GLY A 209 -5.91 -1.12 36.59
N ARG A 210 -4.74 -1.69 36.33
CA ARG A 210 -4.63 -3.04 35.80
C ARG A 210 -3.55 -3.15 34.73
#